data_7LEM
#
_entry.id   7LEM
#
_cell.length_a   69.220
_cell.length_b   30.020
_cell.length_c   72.840
_cell.angle_alpha   90.000
_cell.angle_beta   104.560
_cell.angle_gamma   90.000
#
_symmetry.space_group_name_H-M   'P 1 21 1'
#
loop_
_entity.id
_entity.type
_entity.pdbx_description
1 polymer 'Bromodomain testis-specific protein'
2 non-polymer 2-[(2-methoxy-4-{[4-(4-methylpiperazin-1-yl)piperidin-1-yl]carbonyl}phenyl)amino]-5,11-dimethyl-5,11-dihydro-6H-pyrimido[4,5-b][1,4]benzodiazepin-6-one
3 non-polymer 1,2-ETHANEDIOL
4 water water
#
_entity_poly.entity_id   1
_entity_poly.type   'polypeptide(L)'
_entity_poly.pdbx_seq_one_letter_code
;GAASTNQLQYLQKVVLKDLWKHSFSWPFQRPVDAVKLQLPDYYTIIKNPMDLNTIKKRLENKYYAKASECIEDFNTMFSN
CYLYNKPGDDIVLMAQALEKLFMQKLSQMPQEE
;
_entity_poly.pdbx_strand_id   A,B
#
loop_
_chem_comp.id
_chem_comp.type
_chem_comp.name
_chem_comp.formula
4K4 non-polymer 2-[(2-methoxy-4-{[4-(4-methylpiperazin-1-yl)piperidin-1-yl]carbonyl}phenyl)amino]-5,11-dimethyl-5,11-dihydro-6H-pyrimido[4,5-b][1,4]benzodiazepin-6-one 'C31 H38 N8 O3'
EDO non-polymer 1,2-ETHANEDIOL 'C2 H6 O2'
#
# COMPACT_ATOMS: atom_id res chain seq x y z
N THR A 5 -16.33 -12.80 -13.54
CA THR A 5 -15.09 -12.03 -13.59
C THR A 5 -15.34 -10.54 -13.67
N ASN A 6 -16.50 -10.08 -13.19
CA ASN A 6 -16.83 -8.66 -13.25
C ASN A 6 -15.90 -7.81 -12.39
N GLN A 7 -15.22 -8.41 -11.41
CA GLN A 7 -14.24 -7.66 -10.64
C GLN A 7 -12.97 -7.40 -11.46
N LEU A 8 -12.57 -8.37 -12.28
CA LEU A 8 -11.39 -8.18 -13.12
C LEU A 8 -11.66 -7.16 -14.23
N GLN A 9 -12.91 -7.06 -14.69
CA GLN A 9 -13.24 -6.06 -15.70
C GLN A 9 -13.23 -4.66 -15.11
N TYR A 10 -13.87 -4.49 -13.94
CA TYR A 10 -13.77 -3.22 -13.22
C TYR A 10 -12.32 -2.80 -13.05
N LEU A 11 -11.43 -3.75 -12.76
CA LEU A 11 -10.02 -3.45 -12.64
C LEU A 11 -9.43 -2.97 -13.96
N GLN A 12 -9.93 -3.48 -15.09
CA GLN A 12 -9.36 -3.11 -16.39
C GLN A 12 -9.96 -1.81 -16.93
N LYS A 13 -11.28 -1.77 -17.11
CA LYS A 13 -11.91 -0.65 -17.78
C LYS A 13 -12.22 0.53 -16.85
N VAL A 14 -12.02 0.38 -15.55
CA VAL A 14 -12.25 1.48 -14.61
C VAL A 14 -10.96 1.83 -13.89
N VAL A 15 -10.48 0.90 -13.04
CA VAL A 15 -9.37 1.24 -12.15
C VAL A 15 -8.10 1.55 -12.95
N LEU A 16 -7.76 0.67 -13.90
CA LEU A 16 -6.54 0.89 -14.68
C LEU A 16 -6.66 2.10 -15.59
N LYS A 17 -7.81 2.26 -16.26
CA LYS A 17 -7.98 3.39 -17.17
C LYS A 17 -7.96 4.71 -16.41
N ASP A 18 -8.51 4.74 -15.20
CA ASP A 18 -8.52 5.98 -14.44
C ASP A 18 -7.14 6.30 -13.86
N LEU A 19 -6.36 5.28 -13.49
CA LEU A 19 -5.00 5.55 -13.07
C LEU A 19 -4.16 6.02 -14.24
N TRP A 20 -4.33 5.39 -15.40
CA TRP A 20 -3.54 5.72 -16.58
C TRP A 20 -3.75 7.16 -17.03
N LYS A 21 -5.00 7.63 -17.02
CA LYS A 21 -5.27 9.01 -17.45
C LYS A 21 -4.73 10.04 -16.46
N HIS A 22 -4.49 9.65 -15.21
CA HIS A 22 -4.04 10.58 -14.19
C HIS A 22 -2.70 11.20 -14.57
N SER A 23 -2.53 12.48 -14.22
CA SER A 23 -1.36 13.25 -14.62
C SER A 23 -0.06 12.54 -14.24
N PHE A 24 -0.01 11.97 -13.04
CA PHE A 24 1.23 11.46 -12.48
C PHE A 24 1.60 10.06 -12.96
N SER A 25 0.91 9.48 -13.96
CA SER A 25 1.05 8.05 -14.21
C SER A 25 2.16 7.68 -15.19
N TRP A 26 2.69 8.61 -15.96
CA TRP A 26 3.61 8.21 -17.03
C TRP A 26 4.87 7.49 -16.54
N PRO A 27 5.49 7.81 -15.40
CA PRO A 27 6.66 7.03 -14.98
C PRO A 27 6.33 5.58 -14.72
N PHE A 28 5.06 5.26 -14.51
CA PHE A 28 4.60 3.93 -14.17
C PHE A 28 4.02 3.19 -15.36
N GLN A 29 4.03 3.81 -16.55
CA GLN A 29 3.46 3.18 -17.73
C GLN A 29 4.41 2.19 -18.41
N ARG A 30 5.63 2.02 -17.91
CA ARG A 30 6.57 1.03 -18.42
C ARG A 30 7.39 0.52 -17.25
N PRO A 31 8.05 -0.63 -17.38
CA PRO A 31 8.96 -1.08 -16.32
C PRO A 31 10.04 -0.03 -16.10
N VAL A 32 10.44 0.12 -14.84
CA VAL A 32 11.50 1.02 -14.42
C VAL A 32 12.71 0.79 -15.32
N ASP A 33 13.18 1.85 -15.97
CA ASP A 33 14.26 1.75 -16.95
C ASP A 33 15.57 1.94 -16.22
N ALA A 34 16.26 0.83 -15.91
CA ALA A 34 17.51 0.90 -15.15
C ALA A 34 18.63 1.59 -15.92
N VAL A 35 18.61 1.51 -17.26
CA VAL A 35 19.62 2.22 -18.04
C VAL A 35 19.38 3.73 -17.99
N LYS A 36 18.16 4.16 -18.26
CA LYS A 36 17.90 5.60 -18.32
C LYS A 36 17.97 6.24 -16.94
N LEU A 37 17.59 5.52 -15.90
CA LEU A 37 17.62 6.06 -14.55
C LEU A 37 18.94 5.75 -13.84
N GLN A 38 19.78 4.91 -14.45
CA GLN A 38 21.13 4.64 -13.98
C GLN A 38 21.08 3.92 -12.63
N LEU A 39 20.50 2.72 -12.66
CA LEU A 39 20.18 1.95 -11.44
C LEU A 39 20.77 0.56 -11.55
N PRO A 40 22.08 0.41 -11.34
CA PRO A 40 22.68 -0.93 -11.48
C PRO A 40 22.12 -1.96 -10.52
N ASP A 41 21.48 -1.55 -9.40
CA ASP A 41 21.02 -2.51 -8.40
C ASP A 41 19.49 -2.70 -8.40
N TYR A 42 18.75 -1.98 -9.25
CA TYR A 42 17.29 -2.01 -9.12
C TYR A 42 16.73 -3.42 -9.27
N TYR A 43 17.07 -4.11 -10.37
CA TYR A 43 16.53 -5.44 -10.61
C TYR A 43 17.24 -6.51 -9.80
N THR A 44 18.21 -6.11 -8.98
CA THR A 44 18.83 -7.01 -8.03
C THR A 44 18.08 -7.04 -6.70
N ILE A 45 17.67 -5.87 -6.18
CA ILE A 45 17.05 -5.83 -4.87
C ILE A 45 15.54 -5.73 -4.92
N ILE A 46 14.96 -5.41 -6.09
CA ILE A 46 13.51 -5.38 -6.26
C ILE A 46 13.15 -6.68 -6.97
N LYS A 47 12.64 -7.64 -6.20
CA LYS A 47 12.45 -9.00 -6.67
C LYS A 47 11.26 -9.16 -7.59
N ASN A 48 10.24 -8.31 -7.45
CA ASN A 48 9.00 -8.43 -8.23
C ASN A 48 8.64 -7.09 -8.82
N PRO A 49 9.43 -6.62 -9.80
CA PRO A 49 9.12 -5.33 -10.45
C PRO A 49 7.75 -5.37 -11.09
N MET A 50 7.09 -4.21 -11.14
CA MET A 50 5.72 -4.16 -11.63
C MET A 50 5.41 -2.76 -12.14
N ASP A 51 4.58 -2.70 -13.18
CA ASP A 51 4.26 -1.43 -13.83
C ASP A 51 2.86 -1.54 -14.44
N LEU A 52 2.31 -0.38 -14.81
CA LEU A 52 0.95 -0.34 -15.31
C LEU A 52 0.79 -1.04 -16.66
N ASN A 53 1.84 -1.02 -17.50
CA ASN A 53 1.68 -1.70 -18.79
C ASN A 53 1.74 -3.21 -18.64
N THR A 54 2.50 -3.72 -17.68
CA THR A 54 2.46 -5.16 -17.39
C THR A 54 1.08 -5.58 -16.90
N ILE A 55 0.48 -4.78 -16.01
CA ILE A 55 -0.86 -5.07 -15.54
C ILE A 55 -1.85 -5.03 -16.69
N LYS A 56 -1.71 -4.03 -17.58
CA LYS A 56 -2.57 -3.93 -18.75
C LYS A 56 -2.50 -5.19 -19.61
N LYS A 57 -1.27 -5.64 -19.92
CA LYS A 57 -1.11 -6.81 -20.77
C LYS A 57 -1.67 -8.07 -20.08
N ARG A 58 -1.49 -8.18 -18.78
CA ARG A 58 -1.97 -9.36 -18.07
C ARG A 58 -3.51 -9.38 -18.01
N LEU A 59 -4.13 -8.21 -17.88
CA LEU A 59 -5.58 -8.15 -17.93
C LEU A 59 -6.09 -8.51 -19.33
N GLU A 60 -5.47 -7.95 -20.37
CA GLU A 60 -5.88 -8.28 -21.74
C GLU A 60 -5.72 -9.76 -22.04
N ASN A 61 -4.68 -10.39 -21.49
CA ASN A 61 -4.37 -11.78 -21.74
C ASN A 61 -5.05 -12.73 -20.76
N LYS A 62 -5.92 -12.22 -19.88
CA LYS A 62 -6.60 -13.05 -18.88
C LYS A 62 -5.60 -13.83 -18.04
N TYR A 63 -4.48 -13.18 -17.71
CA TYR A 63 -3.41 -13.84 -16.95
C TYR A 63 -3.82 -14.06 -15.51
N TYR A 64 -4.63 -13.16 -14.96
CA TYR A 64 -5.05 -13.27 -13.56
C TYR A 64 -6.19 -14.26 -13.44
N ALA A 65 -6.16 -15.03 -12.35
CA ALA A 65 -7.26 -15.95 -12.07
C ALA A 65 -8.36 -15.28 -11.25
N LYS A 66 -8.00 -14.35 -10.37
CA LYS A 66 -9.00 -13.63 -9.59
C LYS A 66 -8.52 -12.21 -9.35
N ALA A 67 -9.48 -11.36 -8.94
CA ALA A 67 -9.20 -9.93 -8.76
C ALA A 67 -8.07 -9.68 -7.79
N SER A 68 -7.93 -10.52 -6.75
CA SER A 68 -6.93 -10.27 -5.73
C SER A 68 -5.52 -10.35 -6.29
N GLU A 69 -5.30 -11.17 -7.32
CA GLU A 69 -3.97 -11.28 -7.90
C GLU A 69 -3.58 -9.99 -8.62
N CYS A 70 -4.54 -9.38 -9.32
CA CYS A 70 -4.29 -8.12 -10.01
C CYS A 70 -4.13 -6.97 -9.00
N ILE A 71 -4.99 -6.94 -7.98
CA ILE A 71 -4.87 -5.94 -6.91
C ILE A 71 -3.49 -6.03 -6.28
N GLU A 72 -2.97 -7.25 -6.08
CA GLU A 72 -1.65 -7.40 -5.48
C GLU A 72 -0.57 -6.78 -6.36
N ASP A 73 -0.68 -6.97 -7.69
CA ASP A 73 0.28 -6.36 -8.60
C ASP A 73 0.24 -4.83 -8.50
N PHE A 74 -0.95 -4.25 -8.41
CA PHE A 74 -1.05 -2.80 -8.19
C PHE A 74 -0.32 -2.39 -6.92
N ASN A 75 -0.52 -3.14 -5.82
CA ASN A 75 0.13 -2.78 -4.57
C ASN A 75 1.63 -2.94 -4.66
N THR A 76 2.09 -3.99 -5.35
CA THR A 76 3.52 -4.21 -5.55
C THR A 76 4.16 -3.05 -6.29
N MET A 77 3.46 -2.50 -7.29
CA MET A 77 3.98 -1.35 -8.03
C MET A 77 4.23 -0.17 -7.09
N PHE A 78 3.28 0.12 -6.20
CA PHE A 78 3.44 1.23 -5.27
C PHE A 78 4.55 0.96 -4.27
N SER A 79 4.55 -0.24 -3.67
CA SER A 79 5.52 -0.52 -2.63
C SER A 79 6.94 -0.68 -3.16
N ASN A 80 7.11 -1.22 -4.37
CA ASN A 80 8.44 -1.18 -5.00
C ASN A 80 8.97 0.25 -5.06
N CYS A 81 8.10 1.18 -5.39
CA CYS A 81 8.51 2.57 -5.54
C CYS A 81 8.89 3.16 -4.19
N TYR A 82 8.04 2.99 -3.18
CA TYR A 82 8.38 3.43 -1.83
C TYR A 82 9.66 2.78 -1.34
N LEU A 83 9.80 1.47 -1.61
CA LEU A 83 10.95 0.73 -1.09
C LEU A 83 12.25 1.27 -1.64
N TYR A 84 12.36 1.37 -2.97
CA TYR A 84 13.63 1.71 -3.57
C TYR A 84 14.00 3.17 -3.34
N ASN A 85 13.00 4.06 -3.36
CA ASN A 85 13.27 5.48 -3.30
C ASN A 85 13.28 5.96 -1.84
N LYS A 86 13.32 7.27 -1.64
CA LYS A 86 13.48 7.91 -0.34
C LYS A 86 12.26 8.78 0.01
N PRO A 87 11.99 8.98 1.29
CA PRO A 87 10.92 9.90 1.69
C PRO A 87 11.07 11.26 1.01
N GLY A 88 9.95 11.80 0.55
CA GLY A 88 9.97 13.13 -0.05
C GLY A 88 10.38 13.19 -1.51
N ASP A 89 10.84 12.09 -2.11
CA ASP A 89 11.17 12.10 -3.52
C ASP A 89 9.92 12.39 -4.36
N ASP A 90 10.12 13.09 -5.48
CA ASP A 90 9.00 13.36 -6.40
C ASP A 90 8.23 12.09 -6.74
N ILE A 91 8.91 11.05 -7.20
CA ILE A 91 8.23 9.85 -7.66
C ILE A 91 7.39 9.23 -6.55
N VAL A 92 7.85 9.35 -5.31
CA VAL A 92 7.12 8.79 -4.18
C VAL A 92 5.85 9.59 -3.93
N LEU A 93 5.94 10.92 -4.06
CA LEU A 93 4.72 11.72 -3.97
C LEU A 93 3.77 11.38 -5.10
N MET A 94 4.29 11.04 -6.28
CA MET A 94 3.41 10.65 -7.37
C MET A 94 2.75 9.30 -7.09
N ALA A 95 3.56 8.33 -6.65
CA ALA A 95 3.03 7.02 -6.28
C ALA A 95 1.89 7.16 -5.27
N GLN A 96 2.07 8.00 -4.25
CA GLN A 96 1.07 8.12 -3.20
C GLN A 96 -0.24 8.67 -3.75
N ALA A 97 -0.19 9.66 -4.64
CA ALA A 97 -1.42 10.18 -5.21
C ALA A 97 -2.12 9.12 -6.04
N LEU A 98 -1.36 8.33 -6.80
CA LEU A 98 -1.95 7.25 -7.57
C LEU A 98 -2.51 6.17 -6.67
N GLU A 99 -1.83 5.88 -5.56
CA GLU A 99 -2.33 4.87 -4.62
C GLU A 99 -3.62 5.33 -3.97
N LYS A 100 -3.71 6.60 -3.60
CA LYS A 100 -4.97 7.11 -3.04
C LYS A 100 -6.09 6.98 -4.06
N LEU A 101 -5.82 7.33 -5.33
CA LEU A 101 -6.81 7.13 -6.38
C LEU A 101 -7.14 5.67 -6.53
N PHE A 102 -6.14 4.80 -6.41
CA PHE A 102 -6.38 3.37 -6.51
C PHE A 102 -7.30 2.89 -5.40
N MET A 103 -7.00 3.27 -4.16
CA MET A 103 -7.78 2.82 -3.02
C MET A 103 -9.20 3.34 -3.08
N GLN A 104 -9.38 4.59 -3.50
CA GLN A 104 -10.74 5.11 -3.52
C GLN A 104 -11.55 4.51 -4.66
N LYS A 105 -10.90 3.99 -5.70
CA LYS A 105 -11.67 3.32 -6.75
C LYS A 105 -11.92 1.86 -6.42
N LEU A 106 -11.04 1.25 -5.62
CA LEU A 106 -11.37 -0.06 -5.04
C LEU A 106 -12.57 0.04 -4.11
N SER A 107 -12.80 1.22 -3.52
CA SER A 107 -14.02 1.43 -2.74
C SER A 107 -15.25 1.04 -3.53
N GLN A 108 -15.29 1.39 -4.81
CA GLN A 108 -16.49 1.22 -5.63
C GLN A 108 -16.46 -0.07 -6.46
N MET A 109 -15.70 -1.07 -6.04
CA MET A 109 -15.64 -2.30 -6.82
C MET A 109 -16.88 -3.14 -6.57
N PRO A 110 -17.61 -3.65 -7.60
CA PRO A 110 -18.76 -4.54 -7.35
C PRO A 110 -18.33 -5.76 -6.51
N GLN A 111 -18.81 -5.84 -5.27
CA GLN A 111 -18.48 -7.00 -4.39
C GLN A 111 -19.25 -8.23 -4.90
N GLU A 112 -18.68 -8.93 -5.88
CA GLU A 112 -19.33 -10.11 -6.45
C GLU A 112 -18.63 -11.39 -6.00
N THR B 5 -20.65 3.40 10.02
CA THR B 5 -19.68 3.02 11.04
C THR B 5 -19.66 1.52 11.29
N ASN B 6 -20.53 0.77 10.60
CA ASN B 6 -20.33 -0.67 10.50
C ASN B 6 -18.99 -1.00 9.84
N GLN B 7 -18.56 -0.17 8.89
CA GLN B 7 -17.24 -0.34 8.30
C GLN B 7 -16.15 -0.02 9.31
N LEU B 8 -16.34 1.04 10.10
CA LEU B 8 -15.40 1.37 11.16
C LEU B 8 -15.40 0.31 12.24
N GLN B 9 -16.58 -0.24 12.56
CA GLN B 9 -16.67 -1.38 13.48
C GLN B 9 -15.89 -2.56 12.95
N TYR B 10 -16.07 -2.87 11.67
CA TYR B 10 -15.34 -3.98 11.06
C TYR B 10 -13.83 -3.75 11.14
N LEU B 11 -13.39 -2.53 10.81
CA LEU B 11 -11.96 -2.22 10.88
C LEU B 11 -11.42 -2.34 12.29
N GLN B 12 -12.25 -2.11 13.31
CA GLN B 12 -11.76 -2.15 14.68
C GLN B 12 -11.70 -3.57 15.22
N LYS B 13 -12.80 -4.30 15.14
CA LYS B 13 -12.86 -5.59 15.82
C LYS B 13 -12.46 -6.77 14.94
N VAL B 14 -12.31 -6.57 13.63
CA VAL B 14 -11.86 -7.63 12.72
C VAL B 14 -10.48 -7.32 12.14
N VAL B 15 -10.33 -6.18 11.44
CA VAL B 15 -9.09 -5.90 10.74
C VAL B 15 -7.95 -5.63 11.72
N LEU B 16 -8.18 -4.73 12.68
CA LEU B 16 -7.15 -4.39 13.65
C LEU B 16 -6.83 -5.58 14.56
N LYS B 17 -7.87 -6.25 15.07
CA LYS B 17 -7.60 -7.39 15.94
C LYS B 17 -6.79 -8.47 15.23
N ASP B 18 -7.02 -8.66 13.92
CA ASP B 18 -6.35 -9.76 13.23
C ASP B 18 -4.92 -9.40 12.85
N LEU B 19 -4.68 -8.15 12.45
CA LEU B 19 -3.30 -7.73 12.27
C LEU B 19 -2.55 -7.79 13.59
N TRP B 20 -3.20 -7.35 14.67
CA TRP B 20 -2.57 -7.38 15.99
C TRP B 20 -2.18 -8.81 16.40
N LYS B 21 -3.05 -9.79 16.13
CA LYS B 21 -2.73 -11.18 16.47
C LYS B 21 -1.62 -11.76 15.60
N HIS B 22 -1.39 -11.24 14.40
CA HIS B 22 -0.34 -11.75 13.53
C HIS B 22 1.01 -11.71 14.23
N SER B 23 1.85 -12.72 13.97
CA SER B 23 3.12 -12.81 14.68
C SER B 23 4.04 -11.62 14.38
N PHE B 24 3.92 -11.04 13.19
CA PHE B 24 4.84 -10.00 12.75
C PHE B 24 4.45 -8.59 13.22
N SER B 25 3.40 -8.44 14.06
CA SER B 25 2.83 -7.12 14.31
C SER B 25 3.50 -6.32 15.42
N TRP B 26 4.24 -6.96 16.33
CA TRP B 26 4.68 -6.20 17.52
C TRP B 26 5.53 -4.96 17.18
N PRO B 27 6.37 -4.92 16.13
CA PRO B 27 7.09 -3.67 15.84
C PRO B 27 6.17 -2.53 15.42
N PHE B 28 4.93 -2.84 15.04
CA PHE B 28 3.95 -1.88 14.59
C PHE B 28 2.92 -1.56 15.67
N GLN B 29 3.08 -2.12 16.86
CA GLN B 29 2.12 -1.89 17.93
C GLN B 29 2.37 -0.60 18.72
N ARG B 30 3.42 0.15 18.40
CA ARG B 30 3.67 1.46 18.98
C ARG B 30 4.31 2.33 17.90
N PRO B 31 4.24 3.66 18.05
CA PRO B 31 4.96 4.52 17.09
C PRO B 31 6.44 4.16 17.08
N VAL B 32 7.05 4.31 15.91
CA VAL B 32 8.47 4.04 15.71
C VAL B 32 9.25 4.74 16.80
N ASP B 33 10.01 3.98 17.59
CA ASP B 33 10.76 4.53 18.71
C ASP B 33 12.10 5.03 18.17
N ALA B 34 12.21 6.35 17.93
CA ALA B 34 13.44 6.88 17.34
C ALA B 34 14.63 6.77 18.29
N VAL B 35 14.40 6.80 19.60
CA VAL B 35 15.52 6.63 20.53
C VAL B 35 16.00 5.18 20.54
N LYS B 36 15.08 4.23 20.59
CA LYS B 36 15.52 2.83 20.68
C LYS B 36 16.10 2.34 19.36
N LEU B 37 15.61 2.85 18.23
CA LEU B 37 16.14 2.46 16.93
C LEU B 37 17.24 3.38 16.42
N GLN B 38 17.54 4.45 17.16
CA GLN B 38 18.60 5.43 16.83
CA GLN B 38 18.60 5.41 16.83
C GLN B 38 18.35 6.05 15.45
N LEU B 39 17.26 6.82 15.38
CA LEU B 39 16.82 7.42 14.12
C LEU B 39 16.63 8.91 14.28
N PRO B 40 17.71 9.69 14.27
CA PRO B 40 17.55 11.15 14.46
C PRO B 40 16.77 11.82 13.35
N ASP B 41 16.58 11.18 12.19
CA ASP B 41 15.89 11.81 11.08
C ASP B 41 14.51 11.24 10.79
N TYR B 42 14.10 10.19 11.49
CA TYR B 42 12.82 9.54 11.15
C TYR B 42 11.67 10.53 11.21
N TYR B 43 11.53 11.26 12.32
CA TYR B 43 10.41 12.19 12.48
C TYR B 43 10.64 13.50 11.74
N THR B 44 11.78 13.65 11.08
CA THR B 44 11.99 14.77 10.18
C THR B 44 11.50 14.44 8.78
N ILE B 45 11.77 13.24 8.28
CA ILE B 45 11.47 12.95 6.88
C ILE B 45 10.18 12.14 6.68
N ILE B 46 9.66 11.51 7.74
CA ILE B 46 8.38 10.82 7.69
C ILE B 46 7.35 11.79 8.27
N LYS B 47 6.52 12.39 7.40
CA LYS B 47 5.69 13.51 7.78
C LYS B 47 4.42 13.07 8.52
N ASN B 48 3.95 11.85 8.29
CA ASN B 48 2.73 11.34 8.91
C ASN B 48 3.02 9.97 9.50
N PRO B 49 3.70 9.92 10.64
CA PRO B 49 3.98 8.62 11.26
C PRO B 49 2.68 7.96 11.67
N MET B 50 2.68 6.63 11.61
CA MET B 50 1.46 5.89 11.92
C MET B 50 1.82 4.52 12.45
N ASP B 51 1.00 4.01 13.37
CA ASP B 51 1.23 2.73 14.02
C ASP B 51 -0.12 2.15 14.44
N LEU B 52 -0.11 0.85 14.79
CA LEU B 52 -1.36 0.17 15.14
C LEU B 52 -2.02 0.73 16.40
N ASN B 53 -1.22 1.18 17.38
CA ASN B 53 -1.82 1.65 18.62
C ASN B 53 -2.56 2.97 18.42
N THR B 54 -2.00 3.85 17.58
CA THR B 54 -2.71 5.09 17.30
C THR B 54 -4.00 4.82 16.53
N ILE B 55 -3.97 3.90 15.55
CA ILE B 55 -5.20 3.49 14.90
C ILE B 55 -6.18 2.92 15.91
N LYS B 56 -5.67 2.11 16.85
CA LYS B 56 -6.51 1.56 17.91
C LYS B 56 -7.14 2.67 18.73
N LYS B 57 -6.34 3.66 19.14
CA LYS B 57 -6.88 4.74 19.97
C LYS B 57 -7.85 5.61 19.19
N ARG B 58 -7.60 5.80 17.89
CA ARG B 58 -8.49 6.62 17.09
C ARG B 58 -9.84 5.95 16.88
N LEU B 59 -9.84 4.63 16.69
CA LEU B 59 -11.10 3.90 16.56
C LEU B 59 -11.90 3.96 17.85
N GLU B 60 -11.23 3.72 19.00
CA GLU B 60 -11.91 3.77 20.28
C GLU B 60 -12.48 5.15 20.56
N ASN B 61 -11.76 6.21 20.18
CA ASN B 61 -12.15 7.58 20.46
C ASN B 61 -13.07 8.15 19.39
N LYS B 62 -13.57 7.33 18.46
CA LYS B 62 -14.45 7.79 17.40
C LYS B 62 -13.82 8.97 16.65
N TYR B 63 -12.51 8.88 16.43
CA TYR B 63 -11.76 9.98 15.84
C TYR B 63 -11.99 10.06 14.33
N TYR B 64 -12.31 8.95 13.69
CA TYR B 64 -12.55 8.92 12.26
C TYR B 64 -13.99 9.27 11.94
N ALA B 65 -14.19 9.84 10.76
CA ALA B 65 -15.52 10.11 10.23
C ALA B 65 -15.93 9.11 9.15
N LYS B 66 -14.97 8.59 8.39
CA LYS B 66 -15.21 7.61 7.34
C LYS B 66 -14.17 6.50 7.49
N ALA B 67 -14.59 5.27 7.18
CA ALA B 67 -13.68 4.14 7.10
C ALA B 67 -12.45 4.44 6.24
N SER B 68 -12.64 5.20 5.16
CA SER B 68 -11.53 5.51 4.25
C SER B 68 -10.43 6.30 4.92
N GLU B 69 -10.74 7.03 6.00
CA GLU B 69 -9.70 7.71 6.76
C GLU B 69 -8.88 6.72 7.58
N CYS B 70 -9.55 5.80 8.26
CA CYS B 70 -8.88 4.68 8.90
C CYS B 70 -8.04 3.88 7.90
N ILE B 71 -8.64 3.52 6.77
CA ILE B 71 -7.92 2.72 5.77
C ILE B 71 -6.67 3.45 5.32
N GLU B 72 -6.74 4.79 5.19
CA GLU B 72 -5.56 5.53 4.76
C GLU B 72 -4.48 5.51 5.84
N ASP B 73 -4.87 5.50 7.11
CA ASP B 73 -3.87 5.38 8.18
C ASP B 73 -3.16 4.02 8.12
N PHE B 74 -3.90 2.96 7.85
CA PHE B 74 -3.26 1.64 7.69
C PHE B 74 -2.25 1.67 6.56
N ASN B 75 -2.65 2.19 5.39
CA ASN B 75 -1.72 2.23 4.26
C ASN B 75 -0.51 3.09 4.59
N THR B 76 -0.73 4.21 5.28
CA THR B 76 0.39 5.07 5.67
C THR B 76 1.37 4.33 6.57
N MET B 77 0.88 3.49 7.47
CA MET B 77 1.77 2.70 8.30
C MET B 77 2.70 1.83 7.43
N PHE B 78 2.13 1.13 6.46
CA PHE B 78 2.94 0.30 5.56
C PHE B 78 3.91 1.15 4.74
N SER B 79 3.41 2.24 4.13
CA SER B 79 4.25 2.98 3.18
C SER B 79 5.39 3.70 3.88
N ASN B 80 5.14 4.28 5.07
CA ASN B 80 6.26 4.83 5.85
C ASN B 80 7.35 3.79 6.06
N CYS B 81 6.95 2.57 6.38
CA CYS B 81 7.91 1.49 6.58
C CYS B 81 8.70 1.21 5.30
N TYR B 82 8.02 1.04 4.16
CA TYR B 82 8.72 0.84 2.89
C TYR B 82 9.61 2.03 2.54
N LEU B 83 9.13 3.24 2.84
CA LEU B 83 9.85 4.45 2.45
C LEU B 83 11.15 4.57 3.22
N TYR B 84 11.08 4.47 4.55
CA TYR B 84 12.25 4.77 5.35
C TYR B 84 13.30 3.67 5.23
N ASN B 85 12.87 2.42 5.12
CA ASN B 85 13.78 1.29 5.17
C ASN B 85 14.21 0.90 3.75
N LYS B 86 15.02 -0.15 3.65
CA LYS B 86 15.58 -0.60 2.36
C LYS B 86 14.94 -1.89 1.90
N PRO B 87 14.94 -2.17 0.58
CA PRO B 87 14.48 -3.48 0.10
C PRO B 87 15.16 -4.62 0.83
N GLY B 88 14.38 -5.64 1.19
CA GLY B 88 14.92 -6.83 1.81
C GLY B 88 15.15 -6.77 3.30
N ASP B 89 15.00 -5.60 3.93
CA ASP B 89 15.11 -5.55 5.39
C ASP B 89 14.04 -6.42 6.03
N ASP B 90 14.33 -6.93 7.24
CA ASP B 90 13.35 -7.76 7.94
C ASP B 90 12.03 -7.03 8.11
N ILE B 91 12.07 -5.77 8.58
CA ILE B 91 10.83 -5.06 8.87
C ILE B 91 10.00 -4.89 7.61
N VAL B 92 10.64 -4.69 6.47
CA VAL B 92 9.91 -4.55 5.22
C VAL B 92 9.23 -5.85 4.86
N LEU B 93 9.91 -6.99 5.06
CA LEU B 93 9.23 -8.26 4.80
C LEU B 93 8.06 -8.45 5.74
N MET B 94 8.15 -7.93 6.96
CA MET B 94 7.06 -8.06 7.89
C MET B 94 5.89 -7.17 7.48
N ALA B 95 6.18 -5.91 7.11
CA ALA B 95 5.13 -5.03 6.62
C ALA B 95 4.39 -5.65 5.47
N GLN B 96 5.11 -6.26 4.53
CA GLN B 96 4.47 -6.84 3.35
C GLN B 96 3.51 -7.95 3.74
N ALA B 97 3.91 -8.80 4.70
CA ALA B 97 3.02 -9.84 5.16
C ALA B 97 1.78 -9.25 5.82
N LEU B 98 1.96 -8.23 6.67
CA LEU B 98 0.82 -7.58 7.29
C LEU B 98 -0.05 -6.87 6.24
N GLU B 99 0.57 -6.27 5.23
CA GLU B 99 -0.21 -5.58 4.20
C GLU B 99 -1.05 -6.58 3.40
N LYS B 100 -0.50 -7.75 3.08
CA LYS B 100 -1.32 -8.69 2.34
C LYS B 100 -2.45 -9.23 3.21
N LEU B 101 -2.21 -9.39 4.52
CA LEU B 101 -3.30 -9.76 5.41
C LEU B 101 -4.32 -8.64 5.50
N PHE B 102 -3.84 -7.41 5.56
CA PHE B 102 -4.74 -6.24 5.58
C PHE B 102 -5.65 -6.22 4.36
N MET B 103 -5.07 -6.42 3.16
CA MET B 103 -5.87 -6.33 1.94
C MET B 103 -6.87 -7.46 1.84
N GLN B 104 -6.52 -8.66 2.32
CA GLN B 104 -7.46 -9.76 2.32
C GLN B 104 -8.64 -9.49 3.26
N LYS B 105 -8.35 -8.99 4.46
CA LYS B 105 -9.43 -8.64 5.39
C LYS B 105 -10.32 -7.56 4.80
N LEU B 106 -9.70 -6.52 4.22
CA LEU B 106 -10.44 -5.43 3.61
C LEU B 106 -11.33 -5.91 2.46
N SER B 107 -10.90 -6.96 1.76
CA SER B 107 -11.69 -7.50 0.66
C SER B 107 -13.04 -8.01 1.12
N GLN B 108 -13.20 -8.28 2.42
CA GLN B 108 -14.48 -8.77 2.93
C GLN B 108 -15.09 -7.77 3.92
N MET B 109 -14.96 -6.43 3.61
CA MET B 109 -15.61 -5.43 4.45
C MET B 109 -17.04 -5.18 3.96
N PRO B 110 -17.97 -4.86 4.86
CA PRO B 110 -19.33 -4.50 4.43
C PRO B 110 -19.35 -3.24 3.57
N GLN B 111 -20.51 -3.00 2.94
CA GLN B 111 -20.65 -1.92 1.98
C GLN B 111 -21.62 -0.85 2.44
N GLU B 112 -22.30 -0.21 1.50
CA GLU B 112 -23.29 0.83 1.81
C GLU B 112 -24.50 0.26 2.54
C4 4K4 C . 10.97 6.81 -11.94
C5 4K4 C . 10.34 5.63 -12.08
C6 4K4 C . 9.92 5.22 -13.34
N1 4K4 C . 10.15 5.96 -14.41
N3 4K4 C . 11.19 7.56 -13.04
CAU 4K4 C . 21.36 11.59 -13.45
CAS 4K4 C . 22.36 10.87 -12.53
NBL 4K4 C . 21.75 10.48 -11.26
CAB 4K4 C . 22.68 9.64 -10.53
CAT 4K4 C . 20.48 9.77 -11.41
CAV 4K4 C . 19.51 10.52 -12.32
NBN 4K4 C . 20.15 10.80 -13.60
CBK 4K4 C . 19.19 11.47 -14.59
CAP 4K4 C . 18.51 12.61 -13.95
CAR 4K4 C . 17.30 13.07 -14.76
CAO 4K4 C . 18.25 10.43 -15.15
CAQ 4K4 C . 16.79 10.61 -14.74
NBM 4K4 C . 16.21 12.01 -14.86
CBA 4K4 C . 14.80 12.33 -15.02
OAE 4K4 C . 14.46 13.47 -15.07
CBB 4K4 C . 13.76 11.19 -15.10
CAN 4K4 C . 13.82 10.25 -16.15
CBE 4K4 C . 12.90 9.20 -16.19
OAZ 4K4 C . 12.86 8.19 -17.17
CAA 4K4 C . 13.79 8.35 -18.19
CAI 4K4 C . 12.75 11.11 -14.14
CAJ 4K4 C . 11.82 10.09 -14.19
CBC 4K4 C . 11.94 9.17 -15.22
NAY 4K4 C . 11.04 8.02 -15.41
C2 4K4 C . 10.80 7.14 -14.27
NBP 4K4 C . 11.37 7.18 -10.59
CAD 4K4 C . 11.75 8.58 -10.68
CBH 4K4 C . 12.55 6.41 -10.13
CAL 4K4 C . 13.86 6.89 -10.02
CAH 4K4 C . 14.87 6.05 -9.55
CAG 4K4 C . 14.61 4.74 -9.16
CAK 4K4 C . 13.33 4.26 -9.25
CBG 4K4 C . 12.32 5.11 -9.75
CBF 4K4 C . 10.87 4.58 -9.78
OAF 4K4 C . 10.46 3.92 -8.86
NBO 4K4 C . 10.00 4.86 -10.89
CAC 4K4 C . 8.64 4.35 -10.84
C1 EDO D . 5.69 -3.93 -19.95
O1 EDO D . 5.88 -3.03 -21.05
C2 EDO D . 4.82 -5.11 -20.39
O2 EDO D . 5.39 -5.72 -21.55
C1 EDO E . -5.54 1.45 -21.03
O1 EDO E . -5.18 2.85 -21.01
C2 EDO E . -6.60 1.19 -19.97
O2 EDO E . -7.47 0.13 -20.37
C1 EDO F . 18.24 1.98 -3.01
O1 EDO F . 17.34 1.43 -2.04
C2 EDO F . 19.61 1.36 -2.84
O2 EDO F . 20.50 1.93 -3.80
C1 EDO G . 10.65 4.08 -17.53
O1 EDO G . 11.28 4.14 -16.21
C2 EDO G . 9.69 5.25 -17.74
O2 EDO G . 10.38 6.48 -17.57
C1 EDO H . 5.44 16.28 -7.62
O1 EDO H . 6.06 17.21 -6.73
C2 EDO H . 4.57 15.31 -6.83
O2 EDO H . 3.63 16.01 -6.00
C4 4K4 I . 11.14 -1.34 13.40
C5 4K4 I . 10.02 -0.61 13.40
C6 4K4 I . 9.31 -0.47 14.56
N1 4K4 I . 9.72 -1.04 15.69
N3 4K4 I . 11.55 -1.92 14.54
CAU 4K4 I . 19.91 0.26 15.88
CAS 4K4 I . 20.32 0.63 14.45
NBL 4K4 I . 21.71 0.32 14.19
CAB 4K4 I . 22.55 1.26 14.90
CAT 4K4 I . 22.04 -1.05 14.55
CAV 4K4 I . 21.63 -1.40 15.98
NBN 4K4 I . 20.21 -1.13 16.21
CBK 4K4 I . 19.84 -1.41 17.68
CAP 4K4 I . 20.10 -2.82 18.04
CAR 4K4 I . 19.20 -3.83 17.31
CAO 4K4 I . 18.41 -1.10 17.95
CAQ 4K4 I . 17.45 -2.04 17.22
NBM 4K4 I . 17.71 -3.54 17.31
CBA 4K4 I . 16.64 -4.54 17.34
OAE 4K4 I . 16.91 -5.70 17.37
CBB 4K4 I . 15.19 -4.00 17.27
CAN 4K4 I . 14.63 -3.25 18.31
CBE 4K4 I . 13.33 -2.74 18.19
OAZ 4K4 I . 12.71 -1.97 19.21
CAA 4K4 I . 13.19 -0.68 19.21
CAI 4K4 I . 14.48 -4.26 16.11
CAJ 4K4 I . 13.20 -3.78 15.97
CBC 4K4 I . 12.67 -3.01 17.00
NAY 4K4 I . 11.33 -2.46 16.93
C2 4K4 I . 10.86 -1.79 15.69
NBP 4K4 I . 11.84 -1.42 12.13
CAD 4K4 I . 12.84 -2.48 12.28
CBH 4K4 I . 12.59 -0.17 11.85
CAL 4K4 I . 13.97 0.04 12.00
CAH 4K4 I . 14.53 1.27 11.66
CAG 4K4 I . 13.76 2.31 11.15
CAK 4K4 I . 12.40 2.12 11.01
CBG 4K4 I . 11.84 0.89 11.37
CBF 4K4 I . 10.31 0.67 11.16
OAF 4K4 I . 9.80 1.10 10.17
NBO 4K4 I . 9.53 -0.04 12.13
CAC 4K4 I . 8.10 -0.25 11.91
C1 EDO J . 2.32 5.01 22.14
O1 EDO J . 2.27 6.15 23.01
C2 EDO J . 0.94 4.73 21.56
O2 EDO J . 0.71 5.47 20.36
C1 EDO K . 8.63 7.94 22.99
O1 EDO K . 9.55 8.95 22.53
C2 EDO K . 9.09 6.56 22.54
O2 EDO K . 9.20 6.48 21.10
C1 EDO L . -5.91 -4.84 19.76
O1 EDO L . -6.03 -5.88 20.72
C2 EDO L . -6.96 -5.06 18.68
O2 EDO L . -8.26 -4.85 19.22
C1 EDO M . 8.70 0.89 18.69
O1 EDO M . 9.53 1.11 17.54
C2 EDO M . 8.18 -0.54 18.76
O2 EDO M . 9.26 -1.48 18.93
C1 EDO N . 4.30 16.89 10.74
O1 EDO N . 5.29 16.45 9.82
C2 EDO N . 3.07 17.42 10.00
O2 EDO N . 2.72 16.54 8.92
#